data_6S8T
#
_entry.id   6S8T
#
_cell.length_a   67.302
_cell.length_b   43.451
_cell.length_c   87.129
_cell.angle_alpha   90.000
_cell.angle_beta   103.620
_cell.angle_gamma   90.000
#
_symmetry.space_group_name_H-M   'P 1 21 1'
#
loop_
_entity.id
_entity.type
_entity.pdbx_description
1 polymer 'Erythrocyte membrane protein 1'
2 water water
#
_entity_poly.entity_id   1
_entity_poly.type   'polypeptide(L)'
_entity_poly.pdbx_seq_one_letter_code
;PCVVGGQADTIYPAIANQMAHQMHEDAQTEASKRGLAKLRADAKQGIYKKNRKPQELSNICNITLQHSNDSRNGNNGGAC
TGKDGNNERFKIGTEWKIGEKVETTDTDAYIPPRRQHMCTSNLENLNVSWVTEDGKAIHSLLGDVQLAAKMDADEIIKRY
KKHNTLTDPIQQKDQESICRAVRYSFADLGDIIRGRDLWEHGDQTKLQGHLQIIFGKIKEEIKKKHPGINGNDKYKGDEK
NNPPYKQLREDWWEANRHQVWRAMQCELKNLKKSNGDCHYNSRGTPLDDYIPQRLRWMVEWAEWFCKMQSQEYDKLMKQC
SQCMSKGGDCRKGDVNCTSCEQACEEYKKKIKKWEKQWNKIKDKYEELYLQAKIAFAGTSFGGGDRDYQQMVHFFKELQK
VTGDTTLGDTTSPYSTAAGYIHQEGHVDECTEQTQFCKNRNGNTASGKEDDNYTFKDPPPKYANACKCD
;
_entity_poly.pdbx_strand_id   A
#
# COMPACT_ATOMS: atom_id res chain seq x y z
N PRO A 1 -4.55 23.76 8.49
CA PRO A 1 -4.10 24.40 7.25
C PRO A 1 -3.27 23.47 6.36
N CYS A 2 -3.53 23.53 5.05
CA CYS A 2 -2.79 22.69 4.10
C CYS A 2 -1.30 23.05 4.10
N VAL A 3 -1.00 24.35 3.98
CA VAL A 3 0.38 24.80 3.95
C VAL A 3 1.04 24.61 5.31
N ILE A 11 3.62 24.59 13.54
CA ILE A 11 3.84 23.21 13.09
C ILE A 11 2.87 22.25 13.78
N TYR A 12 2.11 21.52 12.97
CA TYR A 12 1.12 20.57 13.45
C TYR A 12 1.74 19.17 13.54
N PRO A 13 1.56 18.45 14.64
CA PRO A 13 2.24 17.15 14.79
C PRO A 13 1.64 16.10 13.87
N ALA A 14 2.50 15.24 13.34
CA ALA A 14 2.07 14.10 12.54
C ALA A 14 1.72 12.95 13.48
N ILE A 15 0.48 12.47 13.42
CA ILE A 15 -0.04 11.59 14.46
C ILE A 15 -0.57 10.27 13.91
N ALA A 16 -0.47 10.02 12.61
CA ALA A 16 -0.99 8.77 12.06
C ALA A 16 -0.31 7.55 12.69
N ASN A 17 1.00 7.62 12.89
CA ASN A 17 1.71 6.46 13.43
C ASN A 17 1.32 6.19 14.88
N GLN A 18 1.13 7.25 15.68
CA GLN A 18 0.65 7.04 17.04
C GLN A 18 -0.78 6.52 17.06
N MET A 19 -1.61 6.93 16.09
CA MET A 19 -2.94 6.35 15.98
C MET A 19 -2.86 4.85 15.66
N ALA A 20 -1.94 4.47 14.78
CA ALA A 20 -1.78 3.05 14.44
C ALA A 20 -1.39 2.23 15.66
N HIS A 21 -0.52 2.78 16.50
CA HIS A 21 -0.14 2.10 17.74
C HIS A 21 -1.34 1.86 18.63
N GLN A 22 -2.29 2.80 18.66
CA GLN A 22 -3.50 2.62 19.45
C GLN A 22 -4.37 1.51 18.87
N MET A 23 -4.49 1.45 17.54
CA MET A 23 -5.25 0.37 16.91
C MET A 23 -4.61 -0.98 17.18
N HIS A 24 -3.28 -1.06 17.21
CA HIS A 24 -2.59 -2.32 17.50
C HIS A 24 -2.88 -2.81 18.91
N GLU A 25 -2.86 -1.90 19.89
CA GLU A 25 -3.14 -2.29 21.27
C GLU A 25 -4.57 -2.82 21.41
N ASP A 26 -5.53 -2.14 20.77
CA ASP A 26 -6.92 -2.57 20.86
C ASP A 26 -7.11 -3.96 20.27
N ALA A 27 -6.45 -4.23 19.13
CA ALA A 27 -6.54 -5.56 18.52
C ALA A 27 -5.88 -6.62 19.40
N GLN A 28 -4.78 -6.26 20.06
CA GLN A 28 -4.08 -7.21 20.93
C GLN A 28 -4.97 -7.62 22.11
N THR A 29 -5.58 -6.64 22.78
CA THR A 29 -6.39 -6.95 23.95
C THR A 29 -7.67 -7.68 23.57
N GLU A 30 -8.27 -7.33 22.43
CA GLU A 30 -9.49 -8.01 22.00
C GLU A 30 -9.22 -9.45 21.59
N ALA A 31 -8.04 -9.72 21.03
CA ALA A 31 -7.68 -11.10 20.71
C ALA A 31 -7.39 -11.90 21.98
N SER A 32 -6.89 -11.25 23.03
CA SER A 32 -6.60 -11.95 24.29
C SER A 32 -7.88 -12.48 24.92
N LYS A 33 -8.99 -11.74 24.78
CA LYS A 33 -10.26 -12.19 25.33
C LYS A 33 -10.80 -13.41 24.59
N ARG A 34 -10.28 -13.70 23.41
CA ARG A 34 -10.71 -14.85 22.61
C ARG A 34 -9.56 -15.85 22.54
N GLY A 35 -9.18 -16.36 21.38
CA GLY A 35 -8.17 -17.40 21.32
C GLY A 35 -6.85 -17.00 20.71
N LEU A 36 -6.34 -15.83 21.11
CA LEU A 36 -5.04 -15.37 20.60
C LEU A 36 -3.94 -16.38 20.89
N ALA A 37 -3.97 -17.01 22.07
CA ALA A 37 -2.93 -17.95 22.44
C ALA A 37 -3.01 -19.23 21.63
N LYS A 38 -4.21 -19.68 21.28
CA LYS A 38 -4.36 -20.88 20.48
C LYS A 38 -4.03 -20.67 19.01
N LEU A 39 -3.78 -19.44 18.58
CA LEU A 39 -3.53 -19.13 17.19
C LEU A 39 -2.06 -18.84 16.89
N ARG A 40 -1.19 -18.91 17.89
CA ARG A 40 0.24 -18.76 17.67
C ARG A 40 0.75 -19.95 16.86
N ALA A 41 1.34 -19.67 15.70
CA ALA A 41 1.67 -20.71 14.74
C ALA A 41 3.19 -20.85 14.60
N ASP A 42 3.60 -21.97 14.00
CA ASP A 42 5.01 -22.25 13.72
C ASP A 42 5.08 -23.00 12.39
N ALA A 43 5.78 -22.42 11.43
CA ALA A 43 5.86 -23.02 10.10
C ALA A 43 6.45 -24.42 10.15
N LYS A 44 7.40 -24.66 11.05
CA LYS A 44 8.03 -25.97 11.13
C LYS A 44 7.07 -27.06 11.57
N GLN A 45 5.99 -26.71 12.27
CA GLN A 45 5.00 -27.68 12.73
C GLN A 45 3.92 -27.96 11.70
N GLY A 46 4.08 -27.47 10.47
CA GLY A 46 3.15 -27.76 9.40
C GLY A 46 3.62 -28.90 8.50
N ILE A 47 2.70 -29.39 7.69
CA ILE A 47 2.96 -30.45 6.72
C ILE A 47 2.71 -29.90 5.33
N TYR A 48 3.68 -30.06 4.44
CA TYR A 48 3.65 -29.46 3.10
C TYR A 48 3.85 -30.55 2.06
N LYS A 49 2.90 -30.68 1.14
CA LYS A 49 2.95 -31.68 0.07
C LYS A 49 3.05 -33.10 0.64
N LYS A 50 2.49 -33.30 1.84
CA LYS A 50 2.46 -34.59 2.52
C LYS A 50 3.88 -35.15 2.69
N ASN A 51 4.70 -34.38 3.39
CA ASN A 51 6.07 -34.78 3.75
C ASN A 51 6.12 -34.95 5.26
N ARG A 52 6.20 -36.20 5.70
CA ARG A 52 6.18 -36.52 7.12
C ARG A 52 7.58 -36.60 7.73
N LYS A 53 8.59 -36.05 7.07
CA LYS A 53 9.95 -36.07 7.57
C LYS A 53 10.12 -35.17 8.79
N SER A 58 15.10 -25.07 10.69
CA SER A 58 16.25 -24.22 11.01
C SER A 58 15.87 -22.74 10.95
N ASN A 59 16.77 -21.93 10.40
CA ASN A 59 16.52 -20.50 10.25
C ASN A 59 15.40 -20.25 9.25
N ILE A 60 14.55 -19.27 9.55
CA ILE A 60 13.42 -18.97 8.67
C ILE A 60 13.89 -18.41 7.33
N CYS A 61 15.08 -17.80 7.28
CA CYS A 61 15.61 -17.29 6.02
C CYS A 61 15.99 -18.39 5.04
N ASN A 62 15.91 -19.66 5.45
CA ASN A 62 16.20 -20.79 4.58
C ASN A 62 14.94 -21.49 4.07
N ILE A 63 13.79 -20.82 4.14
CA ILE A 63 12.55 -21.42 3.65
C ILE A 63 12.62 -21.51 2.13
N THR A 64 12.27 -22.66 1.59
CA THR A 64 12.39 -22.96 0.18
C THR A 64 11.01 -23.12 -0.46
N LEU A 65 11.00 -23.54 -1.72
CA LEU A 65 9.75 -23.81 -2.43
C LEU A 65 9.11 -25.12 -2.02
N GLN A 66 9.87 -26.01 -1.37
CA GLN A 66 9.31 -27.27 -0.90
C GLN A 66 8.39 -27.07 0.31
N HIS A 67 8.58 -25.99 1.07
CA HIS A 67 7.76 -25.71 2.25
C HIS A 67 6.51 -24.92 1.87
N SER A 68 5.81 -25.39 0.83
CA SER A 68 4.62 -24.72 0.33
C SER A 68 3.59 -25.76 -0.08
N ASN A 69 2.31 -25.37 -0.01
CA ASN A 69 1.21 -26.22 -0.44
C ASN A 69 0.61 -25.76 -1.77
N ASP A 70 1.41 -25.07 -2.59
CA ASP A 70 1.01 -24.80 -3.96
C ASP A 70 0.80 -26.12 -4.70
N SER A 71 -0.37 -26.26 -5.32
CA SER A 71 -0.77 -27.50 -5.98
C SER A 71 -0.26 -27.60 -7.40
N ARG A 72 0.91 -27.06 -7.71
CA ARG A 72 1.48 -27.09 -9.04
C ARG A 72 2.87 -27.71 -9.01
N ASN A 73 3.35 -28.08 -10.20
CA ASN A 73 4.61 -28.78 -10.33
C ASN A 73 5.79 -27.82 -10.10
N GLY A 74 7.00 -28.35 -10.27
CA GLY A 74 8.18 -27.56 -9.97
C GLY A 74 8.37 -26.40 -10.92
N ASN A 75 8.99 -25.35 -10.41
CA ASN A 75 9.34 -24.17 -11.19
C ASN A 75 8.11 -23.41 -11.66
N ASN A 76 6.93 -23.94 -11.37
CA ASN A 76 5.68 -23.24 -11.65
C ASN A 76 4.91 -22.87 -10.39
N GLY A 77 5.33 -23.34 -9.21
CA GLY A 77 4.62 -23.04 -7.99
C GLY A 77 5.29 -22.00 -7.12
N GLY A 78 6.09 -21.12 -7.73
CA GLY A 78 6.72 -20.06 -6.98
C GLY A 78 5.75 -18.94 -6.65
N ALA A 79 6.12 -18.16 -5.63
CA ALA A 79 5.26 -17.06 -5.21
C ALA A 79 5.24 -15.94 -6.25
N CYS A 80 6.35 -15.70 -6.93
CA CYS A 80 6.43 -14.68 -7.98
C CYS A 80 6.14 -15.24 -9.36
N THR A 81 5.55 -16.42 -9.46
CA THR A 81 5.32 -17.06 -10.76
C THR A 81 4.36 -16.22 -11.60
N GLY A 82 4.84 -15.79 -12.75
CA GLY A 82 4.01 -15.05 -13.69
C GLY A 82 3.56 -13.68 -13.24
N LYS A 83 4.41 -12.94 -12.53
CA LYS A 83 4.08 -11.60 -12.06
C LYS A 83 4.96 -10.57 -12.76
N ASP A 84 4.33 -9.47 -13.17
CA ASP A 84 5.00 -8.33 -13.81
C ASP A 84 5.72 -8.77 -15.09
N GLY A 85 4.91 -9.22 -16.06
CA GLY A 85 5.45 -9.69 -17.32
C GLY A 85 6.01 -8.60 -18.22
N ASN A 86 5.61 -7.35 -17.99
CA ASN A 86 6.08 -6.23 -18.80
C ASN A 86 7.10 -5.36 -18.08
N ASN A 87 7.49 -5.73 -16.87
CA ASN A 87 8.45 -4.97 -16.08
C ASN A 87 7.98 -3.53 -15.88
N GLU A 88 6.81 -3.39 -15.27
CA GLU A 88 6.23 -2.09 -14.98
C GLU A 88 6.14 -1.79 -13.49
N ARG A 89 6.52 -2.74 -12.62
CA ARG A 89 6.14 -2.66 -11.21
C ARG A 89 6.72 -1.43 -10.53
N PHE A 90 7.98 -1.09 -10.81
CA PHE A 90 8.61 0.05 -10.17
C PHE A 90 9.20 1.01 -11.20
N LYS A 91 8.58 1.08 -12.38
CA LYS A 91 9.01 2.02 -13.42
C LYS A 91 8.32 3.36 -13.21
N ILE A 92 9.11 4.43 -13.28
CA ILE A 92 8.57 5.78 -13.13
C ILE A 92 7.65 6.09 -14.30
N GLY A 93 6.45 6.57 -14.00
CA GLY A 93 5.49 6.97 -15.02
C GLY A 93 4.40 5.95 -15.30
N THR A 94 4.47 4.76 -14.70
CA THR A 94 3.43 3.76 -14.90
C THR A 94 2.10 4.27 -14.37
N GLU A 95 1.08 4.25 -15.23
CA GLU A 95 -0.23 4.79 -14.86
C GLU A 95 -1.01 3.79 -14.01
N TRP A 96 -1.50 4.25 -12.87
CA TRP A 96 -2.33 3.41 -12.01
C TRP A 96 -3.69 3.22 -12.66
N LYS A 97 -4.21 1.99 -12.59
CA LYS A 97 -5.50 1.70 -13.17
C LYS A 97 -6.49 1.30 -12.09
N ILE A 98 -7.77 1.45 -12.43
CA ILE A 98 -8.86 1.19 -11.52
C ILE A 98 -9.08 -0.32 -11.39
N GLY A 99 -9.59 -0.72 -10.23
CA GLY A 99 -9.92 -2.12 -10.03
C GLY A 99 -10.98 -2.59 -11.00
N GLU A 100 -10.91 -3.88 -11.35
CA GLU A 100 -11.84 -4.45 -12.30
C GLU A 100 -13.15 -4.80 -11.61
N LYS A 101 -13.68 -3.84 -10.85
CA LYS A 101 -14.99 -3.94 -10.20
C LYS A 101 -16.05 -3.60 -11.23
N VAL A 102 -16.86 -4.61 -11.59
CA VAL A 102 -17.77 -4.52 -12.72
C VAL A 102 -19.21 -4.32 -12.28
N GLU A 103 -19.48 -4.36 -10.96
CA GLU A 103 -20.83 -4.33 -10.42
C GLU A 103 -21.43 -2.92 -10.35
N THR A 104 -20.71 -1.96 -9.81
CA THR A 104 -21.28 -0.61 -9.74
C THR A 104 -20.38 0.44 -10.36
N THR A 105 -19.06 0.39 -10.12
CA THR A 105 -18.08 1.31 -10.68
C THR A 105 -18.32 2.74 -10.21
N ASP A 106 -19.38 2.98 -9.45
CA ASP A 106 -19.53 4.25 -8.75
C ASP A 106 -18.42 4.42 -7.72
N THR A 107 -17.90 3.32 -7.20
CA THR A 107 -16.83 3.32 -6.22
C THR A 107 -15.54 2.87 -6.89
N ASP A 108 -14.47 3.64 -6.70
CA ASP A 108 -13.20 3.37 -7.37
C ASP A 108 -12.04 3.66 -6.42
N ALA A 109 -10.98 2.89 -6.58
CA ALA A 109 -9.73 3.09 -5.85
C ALA A 109 -8.60 2.62 -6.75
N TYR A 110 -7.62 3.50 -6.99
CA TYR A 110 -6.56 3.18 -7.94
C TYR A 110 -5.56 2.20 -7.32
N ILE A 111 -5.21 1.18 -8.08
CA ILE A 111 -4.35 0.08 -7.60
C ILE A 111 -2.89 0.45 -7.80
N PRO A 112 -2.06 0.43 -6.76
CA PRO A 112 -0.62 0.68 -6.94
C PRO A 112 0.01 -0.41 -7.79
N PRO A 113 0.91 -0.06 -8.71
CA PRO A 113 1.62 -1.09 -9.49
C PRO A 113 2.34 -2.10 -8.62
N ARG A 114 2.89 -1.68 -7.47
CA ARG A 114 3.51 -2.63 -6.56
C ARG A 114 2.50 -3.67 -6.09
N ARG A 115 1.28 -3.24 -5.76
CA ARG A 115 0.24 -4.16 -5.29
C ARG A 115 -0.24 -5.07 -6.41
N GLN A 116 -0.43 -4.52 -7.61
CA GLN A 116 -0.97 -5.30 -8.71
C GLN A 116 -0.07 -6.48 -9.07
N HIS A 117 1.24 -6.29 -8.98
CA HIS A 117 2.20 -7.35 -9.32
C HIS A 117 2.82 -8.00 -8.09
N MET A 118 2.07 -8.04 -6.99
CA MET A 118 2.53 -8.66 -5.76
C MET A 118 2.69 -10.18 -5.94
N CYS A 119 3.69 -10.75 -5.26
CA CYS A 119 4.01 -12.17 -5.41
C CYS A 119 3.18 -13.01 -4.45
N THR A 120 1.94 -13.28 -4.85
CA THR A 120 1.02 -14.08 -4.05
C THR A 120 0.51 -15.29 -4.82
N SER A 121 1.27 -15.76 -5.81
CA SER A 121 0.79 -16.82 -6.69
C SER A 121 0.64 -18.14 -5.95
N ASN A 122 1.51 -18.42 -4.97
CA ASN A 122 1.36 -19.63 -4.17
C ASN A 122 0.05 -19.61 -3.40
N LEU A 123 -0.33 -18.43 -2.88
CA LEU A 123 -1.58 -18.34 -2.13
C LEU A 123 -2.79 -18.44 -3.04
N GLU A 124 -2.66 -17.99 -4.30
CA GLU A 124 -3.77 -18.05 -5.24
C GLU A 124 -4.08 -19.46 -5.69
N ASN A 125 -3.11 -20.37 -5.64
CA ASN A 125 -3.26 -21.73 -6.14
C ASN A 125 -3.06 -22.75 -5.02
N LEU A 126 -3.65 -22.49 -3.86
CA LEU A 126 -3.54 -23.42 -2.75
C LEU A 126 -4.41 -24.65 -2.98
N ASN A 127 -3.94 -25.78 -2.44
CA ASN A 127 -4.75 -27.00 -2.35
C ASN A 127 -5.26 -27.06 -0.92
N VAL A 128 -6.55 -26.71 -0.74
CA VAL A 128 -7.11 -26.58 0.60
C VAL A 128 -7.12 -27.90 1.35
N SER A 129 -7.04 -29.03 0.64
CA SER A 129 -6.94 -30.32 1.32
C SER A 129 -5.59 -30.48 1.99
N TRP A 130 -4.50 -30.15 1.28
CA TRP A 130 -3.17 -30.29 1.85
C TRP A 130 -2.97 -29.38 3.06
N VAL A 131 -3.69 -28.26 3.11
CA VAL A 131 -3.54 -27.33 4.22
C VAL A 131 -4.29 -27.82 5.46
N THR A 132 -5.44 -28.48 5.30
CA THR A 132 -6.34 -28.74 6.41
C THR A 132 -6.52 -30.22 6.75
N GLU A 133 -6.20 -31.15 5.85
CA GLU A 133 -6.57 -32.55 6.07
C GLU A 133 -5.86 -33.15 7.28
N ASP A 134 -4.67 -32.64 7.62
CA ASP A 134 -3.92 -33.17 8.75
C ASP A 134 -4.26 -32.48 10.06
N GLY A 135 -5.22 -31.56 10.07
CA GLY A 135 -5.59 -30.87 11.29
C GLY A 135 -4.60 -29.85 11.78
N LYS A 136 -3.62 -29.46 10.96
CA LYS A 136 -2.61 -28.49 11.34
C LYS A 136 -2.65 -27.27 10.43
N ALA A 137 -3.85 -26.79 10.13
CA ALA A 137 -4.01 -25.64 9.23
C ALA A 137 -3.46 -24.36 9.82
N ILE A 138 -3.38 -24.27 11.15
CA ILE A 138 -2.80 -23.09 11.79
C ILE A 138 -1.34 -22.92 11.39
N HIS A 139 -0.60 -24.03 11.36
CA HIS A 139 0.83 -23.99 11.08
C HIS A 139 1.15 -24.04 9.58
N SER A 140 0.35 -24.77 8.79
CA SER A 140 0.60 -24.84 7.36
C SER A 140 0.32 -23.51 6.66
N LEU A 141 -0.66 -22.76 7.15
CA LEU A 141 -0.95 -21.47 6.53
C LEU A 141 0.19 -20.47 6.74
N LEU A 142 0.80 -20.49 7.93
CA LEU A 142 1.90 -19.56 8.21
C LEU A 142 3.08 -19.80 7.28
N GLY A 143 3.34 -21.05 6.92
CA GLY A 143 4.45 -21.36 6.02
C GLY A 143 4.29 -20.70 4.67
N ASP A 144 3.09 -20.77 4.09
CA ASP A 144 2.86 -20.16 2.78
C ASP A 144 2.80 -18.64 2.86
N VAL A 145 2.35 -18.09 3.99
CA VAL A 145 2.35 -16.64 4.16
C VAL A 145 3.77 -16.13 4.31
N GLN A 146 4.61 -16.87 5.05
CA GLN A 146 6.01 -16.46 5.19
C GLN A 146 6.79 -16.64 3.90
N LEU A 147 6.45 -17.65 3.11
CA LEU A 147 7.11 -17.82 1.80
C LEU A 147 6.76 -16.67 0.87
N ALA A 148 5.49 -16.28 0.84
CA ALA A 148 5.09 -15.15 -0.01
C ALA A 148 5.72 -13.86 0.45
N ALA A 149 5.79 -13.64 1.77
CA ALA A 149 6.36 -12.39 2.29
C ALA A 149 7.84 -12.29 1.96
N LYS A 150 8.58 -13.39 2.05
CA LYS A 150 10.02 -13.34 1.79
C LYS A 150 10.32 -13.16 0.30
N MET A 151 9.62 -13.90 -0.56
CA MET A 151 9.87 -13.77 -1.99
CA MET A 151 9.86 -13.78 -1.99
C MET A 151 9.38 -12.44 -2.53
N ASP A 152 8.31 -11.88 -1.97
CA ASP A 152 7.84 -10.58 -2.44
C ASP A 152 8.79 -9.47 -2.02
N ALA A 153 9.35 -9.57 -0.81
CA ALA A 153 10.34 -8.59 -0.37
C ALA A 153 11.61 -8.67 -1.23
N ASP A 154 12.05 -9.88 -1.55
CA ASP A 154 13.24 -10.02 -2.39
C ASP A 154 13.00 -9.47 -3.79
N GLU A 155 11.80 -9.70 -4.34
CA GLU A 155 11.48 -9.20 -5.67
C GLU A 155 11.36 -7.67 -5.69
N ILE A 156 10.88 -7.07 -4.60
CA ILE A 156 10.76 -5.62 -4.54
C ILE A 156 12.14 -4.97 -4.60
N ILE A 157 13.08 -5.49 -3.82
CA ILE A 157 14.42 -4.90 -3.78
C ILE A 157 15.09 -4.99 -5.14
N LYS A 158 15.02 -6.16 -5.79
CA LYS A 158 15.71 -6.35 -7.05
C LYS A 158 15.04 -5.58 -8.19
N ARG A 159 13.72 -5.61 -8.27
CA ARG A 159 13.03 -4.94 -9.38
C ARG A 159 13.07 -3.43 -9.24
N TYR A 160 13.11 -2.91 -8.01
CA TYR A 160 13.26 -1.47 -7.83
C TYR A 160 14.60 -0.99 -8.39
N LYS A 161 15.68 -1.71 -8.05
CA LYS A 161 16.99 -1.35 -8.58
C LYS A 161 17.07 -1.57 -10.09
N LYS A 162 16.36 -2.57 -10.61
CA LYS A 162 16.41 -2.84 -12.04
C LYS A 162 15.61 -1.81 -12.83
N HIS A 163 14.39 -1.52 -12.40
CA HIS A 163 13.53 -0.62 -13.15
C HIS A 163 14.02 0.82 -13.11
N ASN A 164 14.89 1.17 -12.18
CA ASN A 164 15.48 2.49 -12.10
C ASN A 164 16.96 2.51 -12.44
N THR A 165 17.52 1.38 -12.87
CA THR A 165 18.95 1.26 -13.21
C THR A 165 19.83 1.83 -12.10
N LEU A 166 19.55 1.41 -10.87
CA LEU A 166 20.30 1.89 -9.70
C LEU A 166 21.66 1.20 -9.64
N THR A 167 22.73 1.99 -9.60
CA THR A 167 24.06 1.44 -9.39
C THR A 167 24.18 0.88 -7.98
N ASP A 168 25.30 0.22 -7.72
CA ASP A 168 25.46 -0.53 -6.47
C ASP A 168 25.49 0.38 -5.25
N PRO A 169 26.20 1.53 -5.27
CA PRO A 169 26.04 2.49 -4.17
C PRO A 169 24.70 3.21 -4.23
N ILE A 170 23.70 2.67 -3.53
CA ILE A 170 22.35 3.24 -3.55
C ILE A 170 22.33 4.53 -2.73
N GLN A 171 21.66 5.55 -3.26
CA GLN A 171 21.51 6.80 -2.53
C GLN A 171 20.61 6.61 -1.31
N GLN A 172 20.71 7.55 -0.37
CA GLN A 172 19.97 7.42 0.89
C GLN A 172 18.47 7.49 0.65
N LYS A 173 18.02 8.36 -0.27
CA LYS A 173 16.59 8.51 -0.49
C LYS A 173 16.00 7.31 -1.21
N ASP A 174 16.77 6.64 -2.05
CA ASP A 174 16.27 5.45 -2.72
C ASP A 174 16.18 4.27 -1.76
N GLN A 175 17.10 4.18 -0.79
CA GLN A 175 17.01 3.13 0.21
C GLN A 175 15.75 3.27 1.05
N GLU A 176 15.43 4.50 1.48
CA GLU A 176 14.21 4.70 2.26
C GLU A 176 12.97 4.38 1.44
N SER A 177 12.97 4.73 0.15
CA SER A 177 11.83 4.42 -0.71
C SER A 177 11.63 2.92 -0.84
N ILE A 178 12.73 2.15 -0.91
CA ILE A 178 12.63 0.69 -0.97
C ILE A 178 12.12 0.14 0.35
N CYS A 179 12.61 0.68 1.48
CA CYS A 179 12.13 0.24 2.78
C CYS A 179 10.64 0.49 2.94
N ARG A 180 10.13 1.63 2.45
CA ARG A 180 8.70 1.92 2.54
C ARG A 180 7.89 0.94 1.69
N ALA A 181 8.40 0.58 0.52
CA ALA A 181 7.67 -0.35 -0.36
C ALA A 181 7.52 -1.72 0.29
N VAL A 182 8.54 -2.18 1.01
CA VAL A 182 8.44 -3.45 1.72
C VAL A 182 7.45 -3.35 2.87
N ARG A 183 7.36 -2.17 3.51
CA ARG A 183 6.37 -1.99 4.57
C ARG A 183 4.97 -1.94 4.01
N TYR A 184 4.79 -1.34 2.84
CA TYR A 184 3.50 -1.35 2.16
C TYR A 184 3.07 -2.77 1.81
N SER A 185 4.02 -3.61 1.38
CA SER A 185 3.69 -4.99 1.02
CA SER A 185 3.68 -4.98 1.02
C SER A 185 3.33 -5.81 2.25
N PHE A 186 4.03 -5.58 3.37
CA PHE A 186 3.66 -6.23 4.62
C PHE A 186 2.25 -5.85 5.05
N ALA A 187 1.88 -4.59 4.84
CA ALA A 187 0.54 -4.14 5.24
C ALA A 187 -0.54 -4.68 4.30
N ASP A 188 -0.25 -4.71 3.00
CA ASP A 188 -1.18 -5.28 2.03
C ASP A 188 -1.44 -6.76 2.30
N LEU A 189 -0.39 -7.50 2.66
CA LEU A 189 -0.56 -8.93 2.91
C LEU A 189 -1.43 -9.19 4.12
N GLY A 190 -1.29 -8.37 5.17
CA GLY A 190 -2.18 -8.48 6.31
C GLY A 190 -3.63 -8.20 5.94
N ASP A 191 -3.86 -7.23 5.04
CA ASP A 191 -5.22 -6.95 4.62
C ASP A 191 -5.77 -8.04 3.71
N ILE A 192 -4.91 -8.74 2.98
CA ILE A 192 -5.38 -9.88 2.18
C ILE A 192 -5.82 -11.01 3.08
N ILE A 193 -5.03 -11.33 4.11
CA ILE A 193 -5.37 -12.42 5.02
C ILE A 193 -6.65 -12.09 5.80
N ARG A 194 -6.79 -10.86 6.26
CA ARG A 194 -7.96 -10.48 7.05
C ARG A 194 -9.20 -10.18 6.21
N GLY A 195 -9.05 -10.02 4.90
CA GLY A 195 -10.19 -9.72 4.05
C GLY A 195 -10.51 -8.26 3.88
N ARG A 196 -9.58 -7.35 4.20
CA ARG A 196 -9.79 -5.92 4.05
C ARG A 196 -9.34 -5.38 2.70
N ASP A 197 -8.57 -6.15 1.92
CA ASP A 197 -7.95 -5.64 0.71
C ASP A 197 -8.99 -5.22 -0.32
N LEU A 198 -8.71 -4.11 -1.03
CA LEU A 198 -9.70 -3.47 -1.89
C LEU A 198 -9.62 -3.91 -3.36
N TRP A 199 -8.61 -4.67 -3.76
CA TRP A 199 -8.47 -5.05 -5.16
C TRP A 199 -9.40 -6.23 -5.47
N GLU A 200 -10.41 -5.98 -6.30
CA GLU A 200 -11.33 -7.03 -6.72
C GLU A 200 -10.95 -7.48 -8.13
N HIS A 201 -10.60 -8.75 -8.26
CA HIS A 201 -10.05 -9.29 -9.50
C HIS A 201 -10.31 -10.79 -9.49
N GLY A 202 -10.17 -11.40 -10.67
CA GLY A 202 -10.38 -12.83 -10.78
C GLY A 202 -9.46 -13.63 -9.89
N ASP A 203 -8.16 -13.29 -9.90
CA ASP A 203 -7.20 -14.02 -9.08
C ASP A 203 -7.45 -13.79 -7.60
N GLN A 204 -7.89 -12.59 -7.22
CA GLN A 204 -8.12 -12.29 -5.81
C GLN A 204 -9.38 -12.99 -5.29
N THR A 205 -10.41 -13.10 -6.13
CA THR A 205 -11.61 -13.85 -5.75
C THR A 205 -11.28 -15.30 -5.46
N LYS A 206 -10.44 -15.92 -6.30
CA LYS A 206 -10.01 -17.29 -6.04
C LYS A 206 -9.17 -17.37 -4.77
N LEU A 207 -8.33 -16.35 -4.53
CA LEU A 207 -7.50 -16.36 -3.32
C LEU A 207 -8.35 -16.23 -2.06
N GLN A 208 -9.35 -15.34 -2.08
CA GLN A 208 -10.20 -15.19 -0.91
C GLN A 208 -11.04 -16.44 -0.66
N GLY A 209 -11.37 -17.18 -1.72
CA GLY A 209 -12.16 -18.40 -1.52
C GLY A 209 -11.39 -19.47 -0.78
N HIS A 210 -10.09 -19.57 -1.04
CA HIS A 210 -9.26 -20.54 -0.32
C HIS A 210 -9.18 -20.21 1.16
N LEU A 211 -9.06 -18.92 1.49
CA LEU A 211 -8.94 -18.53 2.90
C LEU A 211 -10.23 -18.78 3.66
N GLN A 212 -11.38 -18.59 3.01
CA GLN A 212 -12.65 -18.84 3.68
C GLN A 212 -12.82 -20.31 4.04
N ILE A 213 -12.29 -21.21 3.22
CA ILE A 213 -12.37 -22.62 3.55
C ILE A 213 -11.36 -22.99 4.62
N ILE A 214 -10.15 -22.43 4.53
CA ILE A 214 -9.11 -22.75 5.51
C ILE A 214 -9.53 -22.29 6.91
N PHE A 215 -9.98 -21.04 7.04
CA PHE A 215 -10.37 -20.52 8.34
C PHE A 215 -11.65 -21.17 8.86
N GLY A 216 -12.48 -21.72 7.97
CA GLY A 216 -13.60 -22.53 8.45
C GLY A 216 -13.13 -23.76 9.20
N LYS A 217 -12.13 -24.46 8.65
CA LYS A 217 -11.52 -25.58 9.36
C LYS A 217 -10.78 -25.12 10.61
N ILE A 218 -10.20 -23.91 10.57
CA ILE A 218 -9.49 -23.39 11.73
C ILE A 218 -10.46 -23.17 12.88
N LYS A 219 -11.67 -22.68 12.60
CA LYS A 219 -12.65 -22.46 13.66
C LYS A 219 -12.99 -23.76 14.37
N GLU A 220 -13.04 -24.86 13.62
CA GLU A 220 -13.26 -26.17 14.23
C GLU A 220 -11.99 -26.79 14.78
N GLU A 221 -10.83 -26.41 14.24
CA GLU A 221 -9.55 -26.95 14.72
C GLU A 221 -9.30 -26.55 16.17
N ILE A 222 -9.41 -25.25 16.47
CA ILE A 222 -9.22 -24.77 17.84
C ILE A 222 -10.46 -24.94 18.71
N LYS A 223 -11.56 -25.42 18.13
CA LYS A 223 -12.79 -25.61 18.89
C LYS A 223 -12.70 -26.75 19.89
N LYS A 224 -11.59 -27.48 19.92
CA LYS A 224 -11.40 -28.56 20.88
C LYS A 224 -11.39 -28.04 22.31
N ASN A 232 -16.15 -24.51 24.81
CA ASN A 232 -16.65 -23.18 24.48
C ASN A 232 -16.14 -22.73 23.11
N ASP A 233 -16.91 -21.86 22.46
CA ASP A 233 -16.56 -21.31 21.15
C ASP A 233 -16.48 -19.80 21.28
N LYS A 234 -15.27 -19.25 21.15
CA LYS A 234 -15.05 -17.81 21.23
C LYS A 234 -15.43 -17.06 19.96
N TYR A 235 -15.89 -17.76 18.93
CA TYR A 235 -16.17 -17.15 17.63
C TYR A 235 -17.53 -17.60 17.09
N LYS A 236 -18.52 -17.71 17.98
CA LYS A 236 -19.85 -18.11 17.56
C LYS A 236 -20.44 -17.12 16.56
N GLY A 237 -20.95 -17.65 15.44
CA GLY A 237 -21.53 -16.79 14.42
C GLY A 237 -20.54 -16.01 13.60
N ASP A 238 -19.25 -16.38 13.64
CA ASP A 238 -18.24 -15.61 12.92
C ASP A 238 -18.36 -15.78 11.41
N GLU A 239 -19.00 -16.85 10.94
CA GLU A 239 -19.21 -17.01 9.50
C GLU A 239 -20.25 -16.04 8.96
N LYS A 240 -21.08 -15.46 9.83
CA LYS A 240 -22.05 -14.46 9.39
C LYS A 240 -21.43 -13.10 9.11
N ASN A 241 -20.27 -12.82 9.70
CA ASN A 241 -19.62 -11.53 9.51
C ASN A 241 -19.19 -11.34 8.06
N ASN A 242 -19.01 -10.09 7.68
CA ASN A 242 -18.48 -9.72 6.37
C ASN A 242 -17.23 -8.90 6.56
N PRO A 243 -16.04 -9.40 6.19
CA PRO A 243 -15.78 -10.68 5.53
C PRO A 243 -16.01 -11.90 6.43
N PRO A 244 -16.20 -13.07 5.83
CA PRO A 244 -16.45 -14.28 6.64
C PRO A 244 -15.29 -14.56 7.59
N TYR A 245 -15.62 -14.95 8.82
CA TYR A 245 -14.64 -15.23 9.86
C TYR A 245 -13.78 -14.01 10.17
N LYS A 246 -14.40 -12.83 10.16
CA LYS A 246 -13.68 -11.57 10.34
C LYS A 246 -12.82 -11.60 11.60
N GLN A 247 -13.43 -11.96 12.73
CA GLN A 247 -12.71 -11.90 14.01
C GLN A 247 -11.61 -12.96 14.09
N LEU A 248 -11.90 -14.18 13.64
CA LEU A 248 -10.90 -15.24 13.68
C LEU A 248 -9.68 -14.89 12.82
N ARG A 249 -9.90 -14.19 11.70
CA ARG A 249 -8.78 -13.83 10.85
C ARG A 249 -8.01 -12.63 11.39
N GLU A 250 -8.69 -11.69 12.07
CA GLU A 250 -8.00 -10.61 12.75
C GLU A 250 -7.11 -11.14 13.87
N ASP A 251 -7.61 -12.11 14.64
CA ASP A 251 -6.84 -12.65 15.75
C ASP A 251 -5.64 -13.47 15.26
N TRP A 252 -5.83 -14.27 14.21
CA TRP A 252 -4.71 -15.02 13.65
C TRP A 252 -3.60 -14.08 13.17
N TRP A 253 -3.96 -12.95 12.58
CA TRP A 253 -2.96 -11.99 12.16
C TRP A 253 -2.22 -11.41 13.37
N GLU A 254 -2.95 -11.05 14.43
CA GLU A 254 -2.32 -10.52 15.63
C GLU A 254 -1.33 -11.51 16.24
N ALA A 255 -1.66 -12.80 16.18
CA ALA A 255 -0.81 -13.82 16.78
C ALA A 255 0.47 -14.05 15.99
N ASN A 256 0.46 -13.82 14.67
CA ASN A 256 1.57 -14.22 13.81
C ASN A 256 2.13 -13.10 12.96
N ARG A 257 1.69 -11.86 13.14
CA ARG A 257 2.15 -10.78 12.27
C ARG A 257 3.65 -10.55 12.38
N HIS A 258 4.23 -10.78 13.57
CA HIS A 258 5.66 -10.53 13.72
C HIS A 258 6.51 -11.55 12.98
N GLN A 259 6.12 -12.83 13.05
CA GLN A 259 6.86 -13.85 12.30
CA GLN A 259 6.86 -13.85 12.30
C GLN A 259 6.78 -13.61 10.81
N VAL A 260 5.70 -12.97 10.35
CA VAL A 260 5.61 -12.62 8.93
C VAL A 260 6.63 -11.53 8.59
N TRP A 261 6.73 -10.50 9.43
CA TRP A 261 7.71 -9.45 9.21
C TRP A 261 9.14 -9.96 9.33
N ARG A 262 9.36 -10.98 10.18
CA ARG A 262 10.69 -11.57 10.28
C ARG A 262 11.11 -12.20 8.96
N ALA A 263 10.16 -12.79 8.22
CA ALA A 263 10.49 -13.37 6.93
C ALA A 263 10.92 -12.31 5.93
N MET A 264 10.37 -11.10 6.04
CA MET A 264 10.79 -9.98 5.20
C MET A 264 12.10 -9.35 5.67
N GLN A 265 12.42 -9.47 6.96
CA GLN A 265 13.69 -8.93 7.46
C GLN A 265 14.90 -9.68 6.92
N CYS A 266 14.72 -10.92 6.44
CA CYS A 266 15.84 -11.67 5.88
C CYS A 266 16.46 -10.94 4.68
N GLU A 267 15.64 -10.23 3.91
CA GLU A 267 16.10 -9.53 2.73
C GLU A 267 16.46 -8.07 3.01
N LEU A 268 15.75 -7.43 3.94
CA LEU A 268 16.01 -6.01 4.22
C LEU A 268 17.39 -5.79 4.84
N LYS A 269 17.93 -6.80 5.54
CA LYS A 269 19.23 -6.64 6.18
C LYS A 269 20.37 -6.47 5.19
N ASN A 270 20.16 -6.75 3.91
CA ASN A 270 21.19 -6.53 2.91
C ASN A 270 21.40 -5.06 2.57
N LEU A 271 20.47 -4.19 2.96
CA LEU A 271 20.63 -2.76 2.75
C LEU A 271 21.44 -2.15 3.88
N LYS A 272 22.20 -1.10 3.56
CA LYS A 272 23.13 -0.53 4.54
C LYS A 272 22.45 0.49 5.45
N LYS A 273 21.48 1.24 4.95
CA LYS A 273 20.82 2.25 5.77
C LYS A 273 20.00 1.58 6.87
N SER A 274 20.12 2.11 8.09
CA SER A 274 19.49 1.50 9.24
C SER A 274 18.63 2.47 10.06
N ASN A 275 18.53 3.72 9.66
CA ASN A 275 17.69 4.70 10.35
C ASN A 275 16.58 5.18 9.41
N GLY A 276 15.85 6.21 9.86
CA GLY A 276 14.74 6.70 9.07
C GLY A 276 13.66 5.64 8.91
N ASP A 277 13.10 5.56 7.71
CA ASP A 277 12.07 4.57 7.42
C ASP A 277 12.61 3.14 7.37
N CYS A 278 13.94 2.96 7.40
CA CYS A 278 14.54 1.64 7.44
C CYS A 278 14.85 1.15 8.84
N HIS A 279 14.30 1.79 9.88
CA HIS A 279 14.72 1.44 11.24
C HIS A 279 13.99 0.22 11.79
N TYR A 280 13.11 -0.41 11.02
CA TYR A 280 12.51 -1.69 11.37
C TYR A 280 13.20 -2.87 10.70
N ASN A 281 14.32 -2.62 10.00
CA ASN A 281 14.94 -3.69 9.21
C ASN A 281 15.54 -4.78 10.08
N SER A 282 16.09 -4.43 11.25
CA SER A 282 16.71 -5.41 12.13
C SER A 282 16.05 -5.56 13.49
N ARG A 283 15.22 -4.59 13.91
CA ARG A 283 14.58 -4.62 15.21
C ARG A 283 13.16 -4.08 15.10
N GLY A 284 12.20 -4.78 15.71
CA GLY A 284 10.84 -4.29 15.81
C GLY A 284 9.95 -4.76 14.68
N THR A 285 8.68 -4.34 14.77
CA THR A 285 7.66 -4.63 13.78
C THR A 285 6.96 -3.33 13.41
N PRO A 286 6.82 -3.03 12.11
CA PRO A 286 6.15 -1.79 11.72
C PRO A 286 4.66 -1.84 12.00
N LEU A 287 4.06 -0.64 12.05
CA LEU A 287 2.64 -0.48 12.36
C LEU A 287 1.81 -0.11 11.13
N ASP A 288 2.37 -0.28 9.93
CA ASP A 288 1.65 0.10 8.72
C ASP A 288 0.38 -0.71 8.53
N ASP A 289 0.35 -1.95 9.03
CA ASP A 289 -0.81 -2.79 8.84
C ASP A 289 -2.03 -2.33 9.65
N TYR A 290 -1.94 -1.27 10.45
CA TYR A 290 -3.11 -0.72 11.13
C TYR A 290 -3.58 0.61 10.56
N ILE A 291 -2.93 1.10 9.51
CA ILE A 291 -3.40 2.29 8.80
CA ILE A 291 -3.39 2.29 8.79
C ILE A 291 -4.32 1.83 7.69
N PRO A 292 -5.52 2.39 7.57
CA PRO A 292 -6.45 1.94 6.52
C PRO A 292 -5.81 1.95 5.13
N GLN A 293 -6.07 0.89 4.36
CA GLN A 293 -5.39 0.70 3.08
C GLN A 293 -5.64 1.84 2.12
N ARG A 294 -6.84 2.43 2.14
CA ARG A 294 -7.14 3.53 1.23
C ARG A 294 -6.23 4.73 1.49
N LEU A 295 -5.79 4.91 2.74
CA LEU A 295 -4.88 6.01 3.04
C LEU A 295 -3.44 5.66 2.69
N ARG A 296 -3.04 4.39 2.85
CA ARG A 296 -1.69 3.99 2.47
C ARG A 296 -1.49 4.17 0.97
N TRP A 297 -2.45 3.72 0.17
CA TRP A 297 -2.32 3.82 -1.28
C TRP A 297 -2.30 5.27 -1.74
N MET A 298 -3.03 6.15 -1.07
CA MET A 298 -3.00 7.58 -1.42
C MET A 298 -1.61 8.18 -1.18
N VAL A 299 -1.00 7.88 -0.03
CA VAL A 299 0.36 8.34 0.23
C VAL A 299 1.33 7.79 -0.81
N GLU A 300 1.14 6.52 -1.20
CA GLU A 300 1.98 5.92 -2.24
C GLU A 300 1.70 6.52 -3.60
N TRP A 301 0.45 6.93 -3.85
CA TRP A 301 0.11 7.61 -5.10
C TRP A 301 0.84 8.94 -5.21
N ALA A 302 0.93 9.67 -4.10
CA ALA A 302 1.57 10.99 -4.12
C ALA A 302 3.09 10.86 -4.35
N GLU A 303 3.70 9.82 -3.79
CA GLU A 303 5.14 9.64 -3.98
C GLU A 303 5.46 9.34 -5.43
N TRP A 304 4.71 8.44 -6.07
CA TRP A 304 4.99 8.10 -7.46
C TRP A 304 4.53 9.16 -8.45
N PHE A 305 3.58 10.01 -8.06
CA PHE A 305 3.28 11.18 -8.88
C PHE A 305 4.45 12.16 -8.88
N CYS A 306 5.10 12.34 -7.72
CA CYS A 306 6.22 13.26 -7.65
C CYS A 306 7.43 12.74 -8.41
N LYS A 307 7.62 11.42 -8.45
CA LYS A 307 8.72 10.87 -9.26
C LYS A 307 8.48 11.10 -10.74
N MET A 308 7.25 10.91 -11.21
CA MET A 308 6.92 11.20 -12.60
C MET A 308 7.04 12.70 -12.89
N GLN A 309 6.51 13.54 -12.00
CA GLN A 309 6.56 14.98 -12.21
C GLN A 309 7.99 15.48 -12.26
N SER A 310 8.85 14.99 -11.36
CA SER A 310 10.24 15.43 -11.34
C SER A 310 10.97 15.01 -12.61
N GLN A 311 10.67 13.82 -13.14
CA GLN A 311 11.32 13.36 -14.36
C GLN A 311 10.87 14.17 -15.56
N GLU A 312 9.58 14.47 -15.65
CA GLU A 312 9.10 15.32 -16.74
C GLU A 312 9.62 16.75 -16.61
N TYR A 313 9.79 17.23 -15.38
CA TYR A 313 10.30 18.58 -15.19
C TYR A 313 11.75 18.70 -15.66
N ASP A 314 12.54 17.65 -15.46
CA ASP A 314 13.92 17.66 -15.94
C ASP A 314 13.97 17.71 -17.46
N LYS A 315 13.07 16.99 -18.12
CA LYS A 315 12.99 17.06 -19.59
C LYS A 315 12.62 18.48 -20.03
N LEU A 316 11.83 19.19 -19.23
CA LEU A 316 11.47 20.56 -19.57
C LEU A 316 12.64 21.52 -19.33
N MET A 317 13.49 21.25 -18.33
CA MET A 317 14.61 22.14 -18.06
C MET A 317 15.67 22.06 -19.16
N LYS A 318 15.82 20.89 -19.79
CA LYS A 318 16.85 20.70 -20.79
C LYS A 318 16.38 21.08 -22.19
N GLN A 319 15.13 20.80 -22.53
CA GLN A 319 14.62 21.15 -23.85
C GLN A 319 14.32 22.64 -23.96
N CYS A 320 13.97 23.29 -22.86
CA CYS A 320 13.64 24.71 -22.86
C CYS A 320 14.74 25.57 -22.22
N SER A 321 15.94 25.01 -22.06
CA SER A 321 17.03 25.77 -21.45
C SER A 321 17.43 26.97 -22.31
N GLN A 322 17.36 26.83 -23.63
CA GLN A 322 17.80 27.91 -24.52
C GLN A 322 16.78 29.04 -24.60
N CYS A 323 15.50 28.74 -24.42
CA CYS A 323 14.43 29.73 -24.51
C CYS A 323 14.15 30.42 -23.17
N MET A 324 15.10 30.39 -22.24
CA MET A 324 14.89 30.98 -20.92
C MET A 324 15.41 32.42 -20.83
N SER A 325 16.53 32.70 -21.48
CA SER A 325 17.14 34.02 -21.40
C SER A 325 16.67 34.90 -22.55
N LYS A 326 16.63 36.21 -22.28
CA LYS A 326 16.29 37.17 -23.34
C LYS A 326 17.32 37.14 -24.46
N GLY A 327 18.56 36.79 -24.14
CA GLY A 327 19.60 36.64 -25.14
C GLY A 327 20.02 35.20 -25.32
N GLY A 328 19.06 34.29 -25.37
CA GLY A 328 19.32 32.88 -25.57
C GLY A 328 19.68 32.54 -26.99
N ASP A 329 19.44 31.28 -27.37
CA ASP A 329 19.68 30.78 -28.71
C ASP A 329 18.45 30.02 -29.20
N CYS A 330 17.29 30.69 -29.16
CA CYS A 330 16.00 30.05 -29.40
C CYS A 330 15.12 31.02 -30.19
N ARG A 331 15.09 30.84 -31.51
CA ARG A 331 14.24 31.63 -32.38
C ARG A 331 12.88 30.95 -32.53
N LYS A 332 11.84 31.78 -32.64
CA LYS A 332 10.46 31.32 -32.54
C LYS A 332 10.08 30.27 -33.59
N GLY A 333 10.93 30.03 -34.58
CA GLY A 333 10.64 29.03 -35.60
C GLY A 333 11.69 27.97 -35.77
N ASP A 334 12.82 28.11 -35.07
CA ASP A 334 13.94 27.18 -35.21
C ASP A 334 13.65 25.88 -34.47
N VAL A 335 14.67 25.04 -34.32
CA VAL A 335 14.47 23.70 -33.76
C VAL A 335 14.48 23.72 -32.23
N ASN A 336 15.19 24.67 -31.61
CA ASN A 336 15.23 24.73 -30.16
C ASN A 336 13.89 25.17 -29.59
N CYS A 337 13.22 26.12 -30.26
CA CYS A 337 11.88 26.53 -29.83
C CYS A 337 10.87 25.42 -30.08
N THR A 338 11.01 24.72 -31.21
CA THR A 338 10.08 23.64 -31.54
C THR A 338 10.19 22.50 -30.53
N SER A 339 11.42 22.10 -30.18
CA SER A 339 11.59 21.04 -29.20
C SER A 339 11.14 21.47 -27.81
N CYS A 340 11.19 22.78 -27.52
CA CYS A 340 10.72 23.26 -26.23
C CYS A 340 9.19 23.25 -26.17
N GLU A 341 8.53 23.69 -27.25
CA GLU A 341 7.07 23.68 -27.26
C GLU A 341 6.52 22.27 -27.24
N GLN A 342 7.18 21.33 -27.93
CA GLN A 342 6.76 19.94 -27.86
C GLN A 342 6.98 19.35 -26.48
N ALA A 343 8.02 19.79 -25.77
CA ALA A 343 8.24 19.31 -24.41
C ALA A 343 7.19 19.84 -23.45
N CYS A 344 6.71 21.07 -23.66
CA CYS A 344 5.66 21.62 -22.81
C CYS A 344 4.34 20.89 -23.03
N GLU A 345 4.04 20.51 -24.28
CA GLU A 345 2.80 19.81 -24.57
C GLU A 345 2.78 18.45 -23.89
N GLU A 346 3.89 17.71 -23.93
CA GLU A 346 3.96 16.42 -23.27
C GLU A 346 3.84 16.55 -21.75
N TYR A 347 4.37 17.64 -21.19
CA TYR A 347 4.25 17.87 -19.75
C TYR A 347 2.80 18.09 -19.35
N LYS A 348 2.08 18.94 -20.10
CA LYS A 348 0.70 19.25 -19.76
C LYS A 348 -0.19 18.00 -19.85
N LYS A 349 0.07 17.14 -20.83
CA LYS A 349 -0.77 15.95 -20.99
C LYS A 349 -0.58 14.97 -19.85
N LYS A 350 0.67 14.74 -19.43
CA LYS A 350 0.93 13.80 -18.34
C LYS A 350 0.39 14.32 -17.01
N ILE A 351 0.62 15.60 -16.71
CA ILE A 351 0.15 16.15 -15.45
C ILE A 351 -1.37 16.16 -15.38
N LYS A 352 -2.03 16.38 -16.52
CA LYS A 352 -3.50 16.48 -16.52
C LYS A 352 -4.14 15.13 -16.21
N LYS A 353 -3.63 14.05 -16.82
CA LYS A 353 -4.26 12.75 -16.58
C LYS A 353 -4.03 12.26 -15.16
N TRP A 354 -2.89 12.58 -14.56
CA TRP A 354 -2.70 12.27 -13.15
C TRP A 354 -3.61 13.13 -12.28
N GLU A 355 -3.82 14.39 -12.66
CA GLU A 355 -4.68 15.28 -11.88
C GLU A 355 -6.12 14.75 -11.82
N LYS A 356 -6.59 14.09 -12.88
CA LYS A 356 -7.95 13.55 -12.86
C LYS A 356 -8.09 12.48 -11.78
N GLN A 357 -7.05 11.67 -11.57
CA GLN A 357 -7.10 10.66 -10.52
C GLN A 357 -7.13 11.31 -9.14
N TRP A 358 -6.35 12.38 -8.94
CA TRP A 358 -6.30 13.03 -7.63
C TRP A 358 -7.63 13.66 -7.26
N ASN A 359 -8.37 14.18 -8.23
CA ASN A 359 -9.66 14.81 -7.93
C ASN A 359 -10.66 13.79 -7.40
N LYS A 360 -10.63 12.57 -7.92
CA LYS A 360 -11.51 11.53 -7.39
C LYS A 360 -11.04 11.06 -6.01
N ILE A 361 -9.72 10.99 -5.81
CA ILE A 361 -9.18 10.54 -4.53
C ILE A 361 -9.52 11.53 -3.41
N LYS A 362 -9.29 12.82 -3.67
CA LYS A 362 -9.49 13.81 -2.61
C LYS A 362 -10.97 14.02 -2.31
N ASP A 363 -11.84 13.82 -3.31
CA ASP A 363 -13.27 13.93 -3.05
C ASP A 363 -13.76 12.78 -2.16
N LYS A 364 -13.26 11.57 -2.39
CA LYS A 364 -13.65 10.45 -1.54
C LYS A 364 -13.11 10.63 -0.13
N TYR A 365 -11.86 11.11 0.00
CA TYR A 365 -11.31 11.43 1.31
C TYR A 365 -12.24 12.35 2.10
N GLU A 366 -12.66 13.46 1.47
CA GLU A 366 -13.45 14.46 2.17
C GLU A 366 -14.83 13.93 2.52
N GLU A 367 -15.43 13.13 1.63
CA GLU A 367 -16.73 12.55 1.91
C GLU A 367 -16.69 11.68 3.16
N LEU A 368 -15.66 10.84 3.28
CA LEU A 368 -15.54 9.97 4.45
C LEU A 368 -15.22 10.76 5.72
N TYR A 369 -14.44 11.83 5.61
CA TYR A 369 -14.09 12.63 6.76
C TYR A 369 -15.31 13.37 7.31
N LEU A 370 -16.15 13.89 6.42
CA LEU A 370 -17.34 14.61 6.86
C LEU A 370 -18.36 13.68 7.50
N GLN A 371 -18.52 12.47 6.96
CA GLN A 371 -19.47 11.52 7.53
C GLN A 371 -19.01 11.00 8.88
N ALA A 372 -17.69 10.94 9.11
CA ALA A 372 -17.19 10.48 10.40
C ALA A 372 -17.61 11.40 11.53
N LYS A 373 -17.46 12.71 11.34
CA LYS A 373 -17.74 13.65 12.42
C LYS A 373 -19.23 13.91 12.62
N ILE A 374 -20.09 13.29 11.82
CA ILE A 374 -21.52 13.51 11.89
C ILE A 374 -22.27 12.28 12.39
N ALA A 375 -21.85 11.09 11.97
CA ALA A 375 -22.49 9.85 12.39
C ALA A 375 -22.40 9.68 13.90
N PHE A 376 -23.53 9.79 14.60
CA PHE A 376 -23.57 9.64 16.04
C PHE A 376 -23.49 8.17 16.46
N ALA A 377 -23.87 7.88 17.71
CA ALA A 377 -23.74 6.51 18.21
C ALA A 377 -24.70 5.57 17.49
N GLY A 378 -25.97 5.94 17.41
CA GLY A 378 -26.98 5.12 16.77
C GLY A 378 -27.29 5.47 15.33
N THR A 379 -26.64 6.49 14.77
CA THR A 379 -26.91 6.93 13.41
C THR A 379 -25.77 6.51 12.48
N SER A 380 -26.12 6.25 11.23
CA SER A 380 -25.15 5.85 10.22
C SER A 380 -25.67 6.25 8.84
N PHE A 381 -24.75 6.36 7.89
CA PHE A 381 -25.07 6.75 6.53
C PHE A 381 -25.34 5.56 5.61
N GLY A 382 -25.03 4.34 6.05
CA GLY A 382 -25.26 3.17 5.23
C GLY A 382 -23.99 2.49 4.79
N GLY A 383 -22.99 3.29 4.41
CA GLY A 383 -21.71 2.75 3.99
C GLY A 383 -21.71 2.23 2.57
N GLY A 384 -21.56 0.92 2.42
CA GLY A 384 -21.51 0.32 1.10
C GLY A 384 -20.13 -0.13 0.68
N ASP A 385 -19.12 0.69 0.98
CA ASP A 385 -17.75 0.34 0.63
C ASP A 385 -17.21 -0.75 1.58
N ARG A 386 -16.26 -1.52 1.06
CA ARG A 386 -15.67 -2.59 1.86
C ARG A 386 -14.94 -2.06 3.08
N ASP A 387 -14.41 -0.84 3.01
CA ASP A 387 -13.62 -0.26 4.09
C ASP A 387 -14.34 0.87 4.83
N TYR A 388 -15.66 0.98 4.67
CA TYR A 388 -16.37 2.11 5.26
C TYR A 388 -16.16 2.16 6.78
N GLN A 389 -16.41 1.05 7.48
CA GLN A 389 -16.30 1.03 8.93
C GLN A 389 -14.89 1.35 9.39
N GLN A 390 -13.87 0.76 8.74
CA GLN A 390 -12.49 1.02 9.14
C GLN A 390 -12.11 2.47 8.91
N MET A 391 -12.60 3.07 7.82
CA MET A 391 -12.27 4.47 7.54
C MET A 391 -12.95 5.41 8.54
N VAL A 392 -14.23 5.19 8.83
CA VAL A 392 -14.94 6.08 9.74
C VAL A 392 -14.38 5.97 11.16
N HIS A 393 -14.06 4.76 11.60
CA HIS A 393 -13.50 4.60 12.94
C HIS A 393 -12.14 5.28 13.06
N PHE A 394 -11.30 5.15 12.03
CA PHE A 394 -9.99 5.80 12.07
C PHE A 394 -10.14 7.32 12.11
N PHE A 395 -11.00 7.87 11.25
CA PHE A 395 -11.23 9.31 11.23
C PHE A 395 -11.88 9.81 12.51
N LYS A 396 -12.74 8.99 13.15
CA LYS A 396 -13.36 9.42 14.40
C LYS A 396 -12.32 9.55 15.51
N GLU A 397 -11.41 8.59 15.61
CA GLU A 397 -10.36 8.68 16.62
C GLU A 397 -9.40 9.82 16.30
N LEU A 398 -9.18 10.11 15.02
CA LEU A 398 -8.34 11.24 14.64
C LEU A 398 -8.98 12.56 15.01
N GLN A 399 -10.27 12.71 14.70
CA GLN A 399 -10.99 13.94 15.06
C GLN A 399 -11.09 14.12 16.56
N LYS A 400 -11.16 13.01 17.31
CA LYS A 400 -11.24 13.09 18.76
C LYS A 400 -9.96 13.64 19.37
N VAL A 401 -8.80 13.26 18.82
CA VAL A 401 -7.53 13.76 19.34
C VAL A 401 -7.32 15.22 18.96
N THR A 402 -7.62 15.58 17.71
CA THR A 402 -7.37 16.93 17.23
C THR A 402 -8.44 17.93 17.65
N GLY A 403 -9.56 17.47 18.20
CA GLY A 403 -10.64 18.35 18.57
C GLY A 403 -11.53 18.81 17.44
N ASP A 404 -11.22 18.43 16.20
CA ASP A 404 -12.01 18.83 15.02
C ASP A 404 -13.21 17.91 14.92
N THR A 405 -14.28 18.24 15.64
CA THR A 405 -15.45 17.38 15.71
C THR A 405 -16.74 18.03 15.23
N THR A 406 -16.71 19.29 14.79
CA THR A 406 -17.91 19.98 14.34
C THR A 406 -17.72 20.48 12.91
N LEU A 407 -18.83 20.85 12.28
CA LEU A 407 -18.81 21.41 10.93
C LEU A 407 -18.48 22.89 11.02
N GLY A 408 -17.27 23.26 10.64
CA GLY A 408 -16.83 24.64 10.76
C GLY A 408 -15.39 24.74 11.22
N ASP A 409 -14.91 23.70 11.90
CA ASP A 409 -13.52 23.66 12.34
C ASP A 409 -12.60 23.50 11.12
N THR A 410 -11.72 24.48 10.92
CA THR A 410 -10.71 24.42 9.87
C THR A 410 -9.31 24.55 10.46
N THR A 411 -9.15 24.12 11.72
CA THR A 411 -7.88 24.25 12.42
C THR A 411 -6.98 23.04 12.28
N SER A 412 -7.44 21.97 11.64
CA SER A 412 -6.67 20.76 11.49
C SER A 412 -6.37 20.51 10.01
N PRO A 413 -5.12 20.20 9.65
CA PRO A 413 -4.82 19.87 8.25
C PRO A 413 -5.41 18.54 7.80
N TYR A 414 -5.78 17.66 8.72
CA TYR A 414 -6.29 16.34 8.34
C TYR A 414 -7.69 16.38 7.75
N SER A 415 -8.31 17.56 7.61
CA SER A 415 -9.65 17.63 7.05
C SER A 415 -9.67 17.55 5.53
N THR A 416 -8.50 17.53 4.87
CA THR A 416 -8.41 17.36 3.42
C THR A 416 -7.29 16.38 3.09
N ALA A 417 -7.42 15.74 1.94
CA ALA A 417 -6.40 14.79 1.50
C ALA A 417 -5.06 15.47 1.29
N ALA A 418 -5.07 16.69 0.72
CA ALA A 418 -3.85 17.45 0.56
C ALA A 418 -3.18 17.71 1.91
N GLY A 419 -3.97 17.99 2.94
CA GLY A 419 -3.40 18.18 4.27
C GLY A 419 -2.80 16.90 4.82
N TYR A 420 -3.47 15.76 4.61
CA TYR A 420 -2.93 14.49 5.04
C TYR A 420 -1.59 14.19 4.37
N ILE A 421 -1.47 14.49 3.07
CA ILE A 421 -0.23 14.23 2.36
C ILE A 421 0.91 15.08 2.93
N HIS A 422 0.65 16.36 3.18
CA HIS A 422 1.69 17.22 3.72
C HIS A 422 2.03 16.89 5.17
N GLN A 423 1.18 16.13 5.87
CA GLN A 423 1.47 15.73 7.24
C GLN A 423 2.20 14.38 7.31
N GLU A 424 1.83 13.43 6.45
CA GLU A 424 2.32 12.07 6.55
C GLU A 424 3.07 11.58 5.31
N GLY A 425 3.04 12.34 4.21
CA GLY A 425 3.56 11.85 2.95
C GLY A 425 5.04 12.17 2.75
N HIS A 426 5.56 11.69 1.63
CA HIS A 426 6.96 11.85 1.26
C HIS A 426 6.98 12.44 -0.14
N VAL A 427 6.93 13.77 -0.22
CA VAL A 427 6.81 14.47 -1.50
C VAL A 427 8.02 15.38 -1.70
N ASP A 428 9.17 14.98 -1.15
CA ASP A 428 10.37 15.77 -1.34
C ASP A 428 10.90 15.72 -2.77
N GLU A 429 10.45 14.75 -3.57
CA GLU A 429 10.95 14.61 -4.93
C GLU A 429 10.19 15.48 -5.92
N CYS A 430 9.03 16.01 -5.56
CA CYS A 430 8.36 17.01 -6.38
C CYS A 430 9.25 18.26 -6.45
N THR A 431 9.47 18.75 -7.67
CA THR A 431 10.34 19.89 -7.90
C THR A 431 9.52 21.09 -8.34
N GLU A 432 9.64 22.20 -7.59
CA GLU A 432 8.99 23.48 -7.89
C GLU A 432 7.47 23.42 -7.73
N GLN A 433 6.86 22.28 -8.04
CA GLN A 433 5.41 22.10 -7.91
C GLN A 433 5.18 21.09 -6.78
N THR A 434 5.10 21.60 -5.55
CA THR A 434 5.10 20.76 -4.36
C THR A 434 3.83 20.86 -3.52
N GLN A 435 2.99 21.87 -3.73
CA GLN A 435 1.81 22.08 -2.91
C GLN A 435 0.62 21.35 -3.52
N PHE A 436 0.05 20.40 -2.78
CA PHE A 436 -1.05 19.57 -3.28
C PHE A 436 -2.41 20.25 -3.16
N CYS A 437 -2.50 21.41 -2.52
CA CYS A 437 -3.73 22.18 -2.48
C CYS A 437 -3.58 23.43 -3.35
N LYS A 438 -4.70 23.90 -3.89
CA LYS A 438 -4.70 25.06 -4.77
C LYS A 438 -4.44 26.34 -3.99
N ASN A 439 -5.42 26.76 -3.19
CA ASN A 439 -5.31 27.97 -2.39
C ASN A 439 -4.90 27.62 -0.96
N ARG A 440 -4.47 28.66 -0.23
CA ARG A 440 -4.08 28.54 1.17
C ARG A 440 -3.01 27.47 1.38
N GLU A 449 -4.42 27.85 -8.60
CA GLU A 449 -4.30 29.28 -8.36
C GLU A 449 -2.87 29.66 -7.96
N ASP A 450 -2.38 29.05 -6.88
CA ASP A 450 -1.03 29.34 -6.40
C ASP A 450 0.00 28.89 -7.43
N ASP A 451 1.22 29.45 -7.29
CA ASP A 451 2.28 29.16 -8.25
C ASP A 451 2.85 27.76 -8.05
N ASN A 452 3.11 27.38 -6.80
CA ASN A 452 3.71 26.08 -6.49
C ASN A 452 2.70 24.93 -6.46
N TYR A 453 1.54 25.10 -7.10
CA TYR A 453 0.54 24.04 -7.18
C TYR A 453 1.07 22.88 -8.02
N THR A 454 0.88 21.65 -7.53
CA THR A 454 1.45 20.48 -8.19
C THR A 454 0.85 20.25 -9.58
N PHE A 455 -0.42 20.58 -9.76
CA PHE A 455 -1.11 20.36 -11.03
C PHE A 455 -1.30 21.65 -11.82
N LYS A 456 -0.36 22.58 -11.69
CA LYS A 456 -0.42 23.86 -12.40
C LYS A 456 -0.08 23.61 -13.87
N ASP A 457 -1.06 23.75 -14.76
CA ASP A 457 -0.84 23.47 -16.17
C ASP A 457 0.18 24.41 -16.80
N PRO A 458 0.13 25.72 -16.59
CA PRO A 458 1.24 26.57 -17.03
C PRO A 458 2.27 26.72 -15.92
N PRO A 459 3.44 26.10 -16.08
CA PRO A 459 4.47 26.21 -15.04
C PRO A 459 4.94 27.64 -14.88
N PRO A 460 4.91 28.18 -13.67
CA PRO A 460 5.27 29.59 -13.47
C PRO A 460 6.69 29.92 -13.91
N LYS A 461 7.62 28.97 -13.83
CA LYS A 461 8.99 29.21 -14.25
C LYS A 461 9.17 29.06 -15.76
N TYR A 462 8.25 28.38 -16.44
CA TYR A 462 8.39 28.13 -17.88
C TYR A 462 7.18 28.60 -18.67
N ALA A 463 6.37 29.51 -18.11
CA ALA A 463 5.22 30.02 -18.83
C ALA A 463 5.64 30.78 -20.08
N ASN A 464 6.69 31.60 -19.97
CA ASN A 464 7.20 32.33 -21.13
C ASN A 464 8.10 31.48 -22.02
N ALA A 465 8.68 30.41 -21.47
CA ALA A 465 9.55 29.57 -22.28
C ALA A 465 8.78 28.79 -23.33
N CYS A 466 7.57 28.32 -22.99
CA CYS A 466 6.75 27.57 -23.93
C CYS A 466 6.19 28.44 -25.05
N LYS A 467 6.33 29.76 -24.96
CA LYS A 467 5.86 30.68 -26.00
C LYS A 467 6.97 31.20 -26.89
N CYS A 468 8.24 30.99 -26.52
CA CYS A 468 9.39 31.46 -27.28
C CYS A 468 9.33 32.96 -27.54
#